data_6EWN
#
_entry.id   6EWN
#
_cell.length_a   88.650
_cell.length_b   88.650
_cell.length_c   114.300
_cell.angle_alpha   90.000
_cell.angle_beta   90.000
_cell.angle_gamma   90.000
#
_symmetry.space_group_name_H-M   'I 41'
#
loop_
_entity.id
_entity.type
_entity.pdbx_description
1 polymer HspA
2 non-polymer UREA
3 water water
#
_entity_poly.entity_id   1
_entity_poly.type   'polypeptide(L)'
_entity_poly.pdbx_seq_one_letter_code
;SFLPAAELEETPEALLLKVELPGMDPKDIDVQVTAEAVSISGERKSETKTETEGMKRTEFRYGKFQRVIPLPVRIQNTSV
KAEYKDGILHLTLPKAEEE
;
_entity_poly.pdbx_strand_id   A,B
#
# COMPACT_ATOMS: atom_id res chain seq x y z
N SER A 1 -9.44 7.68 -8.88
CA SER A 1 -9.67 6.24 -8.86
C SER A 1 -8.37 5.55 -9.21
N PHE A 2 -8.40 4.22 -9.14
CA PHE A 2 -7.24 3.35 -9.31
C PHE A 2 -7.43 2.38 -10.51
N LEU A 3 -6.70 1.24 -10.58
CA LEU A 3 -6.98 0.18 -11.56
C LEU A 3 -6.93 -1.23 -10.94
N PRO A 4 -7.80 -2.16 -11.44
CA PRO A 4 -7.66 -3.57 -11.07
C PRO A 4 -6.56 -4.24 -11.87
N ALA A 5 -6.28 -3.68 -13.06
CA ALA A 5 -5.28 -4.21 -13.99
C ALA A 5 -3.93 -3.55 -13.84
N ALA A 6 -3.63 -3.03 -12.65
CA ALA A 6 -2.33 -2.40 -12.38
C ALA A 6 -1.69 -3.23 -11.26
N GLU A 7 -0.85 -4.19 -11.65
CA GLU A 7 -0.28 -5.13 -10.70
C GLU A 7 1.24 -5.13 -10.78
N LEU A 8 1.89 -5.24 -9.63
CA LEU A 8 3.36 -5.18 -9.55
C LEU A 8 3.92 -6.56 -9.24
N GLU A 9 4.61 -7.13 -10.21
CA GLU A 9 5.26 -8.42 -10.09
C GLU A 9 6.69 -8.28 -9.57
N GLU A 10 7.55 -9.24 -9.90
CA GLU A 10 8.96 -9.27 -9.49
C GLU A 10 9.45 -10.71 -9.48
N THR A 11 9.40 -11.40 -10.61
CA THR A 11 10.02 -12.72 -10.69
C THR A 11 11.50 -12.52 -10.43
N PRO A 12 12.27 -13.58 -10.21
CA PRO A 12 13.67 -13.37 -9.78
C PRO A 12 14.49 -12.69 -10.85
N GLU A 13 13.98 -12.58 -12.07
CA GLU A 13 14.76 -12.13 -13.22
C GLU A 13 14.37 -10.72 -13.67
N ALA A 14 13.63 -9.98 -12.86
CA ALA A 14 13.39 -8.57 -13.11
C ALA A 14 12.29 -8.08 -12.17
N LEU A 15 12.37 -6.80 -11.82
CA LEU A 15 11.24 -6.05 -11.28
C LEU A 15 10.41 -5.51 -12.44
N LEU A 16 9.21 -6.06 -12.57
CA LEU A 16 8.22 -5.75 -13.59
C LEU A 16 6.95 -5.22 -12.92
N LEU A 17 5.82 -5.32 -13.62
CA LEU A 17 4.52 -4.74 -13.26
C LEU A 17 3.72 -4.60 -14.54
N LYS A 18 2.40 -4.79 -14.43
CA LYS A 18 1.46 -4.59 -15.52
C LYS A 18 0.67 -3.30 -15.32
N VAL A 19 0.34 -2.65 -16.43
CA VAL A 19 -0.37 -1.38 -16.40
C VAL A 19 -1.47 -1.42 -17.44
N GLU A 20 -2.63 -0.89 -17.03
CA GLU A 20 -3.79 -0.72 -17.89
C GLU A 20 -3.81 0.73 -18.35
N LEU A 21 -2.92 0.97 -19.30
CA LEU A 21 -2.79 2.14 -20.12
C LEU A 21 -3.17 1.79 -21.57
N PRO A 22 -4.45 1.43 -21.87
CA PRO A 22 -4.82 1.09 -23.25
C PRO A 22 -4.91 2.29 -24.19
N GLY A 23 -4.53 2.03 -25.46
CA GLY A 23 -4.55 2.99 -26.54
C GLY A 23 -4.07 4.37 -26.18
N MET A 24 -2.76 4.55 -26.41
CA MET A 24 -2.25 6.03 -26.03
CA MET A 24 -2.33 6.02 -26.01
C MET A 24 -0.74 6.31 -26.38
N ASP A 25 -0.69 6.38 -27.72
CA ASP A 25 0.59 6.51 -28.37
C ASP A 25 1.61 7.05 -27.38
N PRO A 26 2.86 6.99 -27.68
CA PRO A 26 3.87 7.53 -26.75
C PRO A 26 3.55 8.92 -26.22
N LYS A 27 2.71 9.64 -26.95
CA LYS A 27 2.35 11.01 -26.65
C LYS A 27 1.19 11.10 -25.72
N ASP A 28 0.71 9.95 -25.24
CA ASP A 28 -0.39 9.87 -24.31
C ASP A 28 -0.02 9.21 -22.99
N ILE A 29 1.21 8.72 -22.85
CA ILE A 29 1.67 8.17 -21.59
C ILE A 29 2.88 8.97 -21.10
N ASP A 30 3.39 8.65 -19.92
CA ASP A 30 4.61 9.25 -19.42
C ASP A 30 5.11 8.42 -18.26
N VAL A 31 6.44 8.28 -18.15
CA VAL A 31 7.07 7.39 -17.18
C VAL A 31 8.31 8.08 -16.66
N GLN A 32 8.31 8.47 -15.40
CA GLN A 32 9.41 9.19 -14.79
C GLN A 32 9.82 8.49 -13.50
N VAL A 33 11.13 8.46 -13.22
CA VAL A 33 11.63 8.03 -11.92
C VAL A 33 12.19 9.22 -11.16
N THR A 34 11.78 9.35 -9.90
CA THR A 34 12.16 10.53 -9.13
C THR A 34 12.52 10.03 -7.73
N ALA A 35 13.82 9.86 -7.50
CA ALA A 35 14.33 9.18 -6.31
C ALA A 35 13.68 7.81 -6.16
N GLU A 36 14.23 6.80 -6.87
CA GLU A 36 13.75 5.43 -7.00
C GLU A 36 12.25 5.28 -7.01
N ALA A 37 11.55 6.31 -7.49
CA ALA A 37 10.09 6.38 -7.44
C ALA A 37 9.55 6.50 -8.87
N VAL A 38 9.10 5.36 -9.41
CA VAL A 38 8.65 5.26 -10.78
C VAL A 38 7.21 5.78 -10.86
N SER A 39 6.94 6.70 -11.78
CA SER A 39 5.66 7.38 -11.82
C SER A 39 4.80 6.86 -12.96
N ILE A 40 3.50 6.66 -12.69
CA ILE A 40 2.47 6.40 -13.72
C ILE A 40 1.64 7.66 -13.96
N SER A 41 1.37 7.97 -15.23
CA SER A 41 0.76 9.25 -15.61
C SER A 41 0.48 9.24 -17.10
N GLY A 42 -0.75 9.63 -17.48
CA GLY A 42 -1.19 9.55 -18.87
C GLY A 42 -2.59 10.09 -19.01
N GLU A 43 -3.04 10.19 -20.27
CA GLU A 43 -4.41 10.56 -20.65
C GLU A 43 -4.74 10.30 -22.12
N ARG A 44 -5.85 9.59 -22.37
CA ARG A 44 -6.31 9.36 -23.73
C ARG A 44 -7.05 10.59 -24.27
N LYS A 45 -6.53 11.17 -25.35
CA LYS A 45 -7.09 12.35 -25.98
C LYS A 45 -8.42 12.02 -26.68
N SER A 46 -9.12 13.04 -27.13
CA SER A 46 -10.35 12.76 -27.83
C SER A 46 -10.08 12.05 -29.15
N GLU A 47 -10.73 10.91 -29.34
CA GLU A 47 -10.80 10.29 -30.66
C GLU A 47 -11.83 11.06 -31.50
N THR A 48 -11.32 12.05 -32.25
CA THR A 48 -12.17 12.99 -33.01
C THR A 48 -12.54 12.41 -34.37
N LYS A 49 -13.21 11.26 -34.29
CA LYS A 49 -13.69 10.55 -35.47
CA LYS A 49 -13.69 10.56 -35.48
C LYS A 49 -14.52 11.51 -36.32
N THR A 50 -15.81 11.22 -36.53
CA THR A 50 -16.70 12.07 -37.29
C THR A 50 -17.48 12.87 -36.27
N GLU A 51 -17.31 14.17 -36.26
CA GLU A 51 -17.89 15.01 -35.21
C GLU A 51 -19.41 15.04 -35.21
N THR A 52 -20.03 14.03 -35.81
CA THR A 52 -21.48 13.94 -35.95
C THR A 52 -22.02 12.54 -35.72
N GLU A 53 -21.20 11.48 -35.72
CA GLU A 53 -21.58 10.11 -35.37
C GLU A 53 -22.26 10.03 -33.99
N GLY A 54 -22.41 8.83 -33.44
CA GLY A 54 -23.06 8.66 -32.14
C GLY A 54 -22.15 8.11 -31.06
N MET A 55 -22.68 8.06 -29.84
CA MET A 55 -22.23 7.74 -28.49
CA MET A 55 -22.21 7.78 -28.41
C MET A 55 -23.48 7.19 -27.34
N LYS A 56 -24.21 6.42 -28.17
CA LYS A 56 -25.19 5.44 -27.71
C LYS A 56 -24.70 4.93 -26.37
N ARG A 57 -23.82 3.96 -26.42
CA ARG A 57 -23.13 3.49 -25.22
C ARG A 57 -21.67 3.90 -25.34
N THR A 58 -21.28 4.90 -24.56
CA THR A 58 -19.98 5.55 -24.63
C THR A 58 -19.20 5.40 -23.32
N GLU A 59 -19.57 4.41 -22.50
CA GLU A 59 -19.08 4.14 -21.14
C GLU A 59 -17.56 4.30 -20.92
N PHE A 60 -16.90 5.21 -21.64
CA PHE A 60 -15.46 5.15 -21.91
C PHE A 60 -14.72 6.34 -21.30
N ARG A 61 -15.05 6.64 -20.04
CA ARG A 61 -14.57 7.86 -19.37
CA ARG A 61 -14.57 7.86 -19.38
C ARG A 61 -13.17 7.62 -18.80
N TYR A 62 -12.21 7.58 -19.71
CA TYR A 62 -10.83 7.48 -19.28
C TYR A 62 -10.22 8.87 -19.19
N GLY A 63 -9.24 8.99 -18.31
CA GLY A 63 -8.55 10.23 -18.03
C GLY A 63 -7.14 10.00 -17.54
N LYS A 64 -6.73 10.71 -16.47
CA LYS A 64 -5.34 10.84 -16.03
C LYS A 64 -5.14 10.25 -14.65
N PHE A 65 -3.88 9.91 -14.35
CA PHE A 65 -3.56 9.05 -13.23
C PHE A 65 -2.13 9.30 -12.81
N GLN A 66 -1.92 9.58 -11.52
CA GLN A 66 -0.62 9.95 -10.98
C GLN A 66 -0.20 8.90 -9.95
N ARG A 67 0.19 7.73 -10.46
CA ARG A 67 0.56 6.57 -9.66
C ARG A 67 2.06 6.49 -9.61
N VAL A 68 2.55 5.77 -8.63
CA VAL A 68 3.99 5.61 -8.52
C VAL A 68 4.32 4.15 -8.20
N ILE A 69 4.40 3.83 -6.91
CA ILE A 69 4.75 2.52 -6.34
C ILE A 69 6.19 2.52 -5.82
N PRO A 70 6.39 2.27 -4.52
CA PRO A 70 7.75 2.11 -4.01
C PRO A 70 8.40 0.79 -4.45
N LEU A 71 9.73 0.81 -4.43
CA LEU A 71 10.59 -0.26 -4.89
C LEU A 71 11.45 -0.81 -3.73
N PRO A 72 12.01 -2.02 -3.87
CA PRO A 72 13.02 -2.49 -2.90
C PRO A 72 14.46 -2.06 -3.15
N VAL A 73 14.72 -1.46 -4.30
CA VAL A 73 16.07 -1.17 -4.74
C VAL A 73 16.06 0.12 -5.51
N ARG A 74 17.13 0.91 -5.34
CA ARG A 74 17.41 2.06 -6.19
C ARG A 74 17.60 1.65 -7.65
N ILE A 75 17.03 2.44 -8.54
CA ILE A 75 16.91 2.08 -9.93
C ILE A 75 18.10 2.56 -10.75
N GLN A 76 18.03 2.33 -12.07
CA GLN A 76 18.96 2.95 -13.01
C GLN A 76 18.21 3.45 -14.24
N ASN A 77 18.14 4.76 -14.39
CA ASN A 77 17.39 5.37 -15.47
C ASN A 77 17.68 4.70 -16.80
N THR A 78 18.97 4.52 -17.10
CA THR A 78 19.39 3.92 -18.37
C THR A 78 18.99 2.45 -18.55
N SER A 79 19.87 1.56 -18.11
CA SER A 79 19.69 0.11 -18.21
C SER A 79 18.27 -0.42 -18.39
N VAL A 80 17.28 0.28 -17.85
CA VAL A 80 15.89 -0.15 -17.96
C VAL A 80 15.25 0.13 -19.32
N LYS A 81 14.46 -0.83 -19.79
CA LYS A 81 13.74 -0.73 -21.06
C LYS A 81 12.29 -0.27 -20.94
N ALA A 82 11.81 0.31 -22.05
CA ALA A 82 10.49 0.93 -22.13
C ALA A 82 9.82 0.52 -23.43
N GLU A 83 8.67 -0.15 -23.33
CA GLU A 83 7.92 -0.51 -24.52
C GLU A 83 6.45 -0.67 -24.16
N TYR A 84 5.62 0.06 -24.87
CA TYR A 84 4.18 -0.13 -24.89
C TYR A 84 3.83 -0.84 -26.20
N LYS A 85 2.85 -1.76 -26.12
CA LYS A 85 2.37 -2.55 -27.25
C LYS A 85 0.85 -2.50 -27.41
N ASP A 86 0.24 -3.62 -27.77
CA ASP A 86 -1.15 -3.70 -28.21
C ASP A 86 -2.07 -3.40 -27.04
N GLY A 87 -2.17 -2.16 -26.63
CA GLY A 87 -3.08 -1.79 -25.56
C GLY A 87 -2.55 -1.78 -24.13
N ILE A 88 -1.32 -2.21 -23.88
CA ILE A 88 -0.81 -2.39 -22.52
C ILE A 88 0.57 -1.76 -22.43
N LEU A 89 0.93 -1.28 -21.25
CA LEU A 89 2.26 -0.73 -21.01
C LEU A 89 3.10 -1.75 -20.28
N HIS A 90 4.39 -1.78 -20.63
CA HIS A 90 5.33 -2.70 -20.00
C HIS A 90 6.72 -2.05 -19.94
N LEU A 91 7.07 -1.59 -18.74
CA LEU A 91 8.42 -1.14 -18.42
C LEU A 91 8.92 -2.03 -17.30
N THR A 92 9.94 -2.83 -17.62
CA THR A 92 10.53 -3.81 -16.72
C THR A 92 11.83 -3.29 -16.11
N LEU A 93 11.77 -2.84 -14.86
CA LEU A 93 12.96 -2.49 -14.07
C LEU A 93 13.63 -3.77 -13.61
N PRO A 94 14.66 -4.30 -14.27
CA PRO A 94 15.28 -5.51 -13.73
C PRO A 94 15.90 -5.24 -12.36
N LYS A 95 16.96 -5.96 -11.99
CA LYS A 95 17.58 -5.75 -10.71
C LYS A 95 19.10 -5.93 -10.78
N ALA A 96 19.69 -6.49 -9.72
CA ALA A 96 21.10 -6.88 -9.66
C ALA A 96 21.18 -8.30 -9.09
N GLU A 97 22.29 -8.96 -9.39
CA GLU A 97 22.45 -10.36 -9.07
C GLU A 97 22.70 -10.58 -7.57
N GLU A 98 21.76 -11.27 -6.92
CA GLU A 98 21.78 -11.51 -5.48
C GLU A 98 21.35 -12.94 -5.22
N GLU A 99 22.18 -13.64 -4.43
CA GLU A 99 21.95 -15.04 -4.02
C GLU A 99 20.49 -15.36 -3.68
N SER B 1 1.41 2.59 32.47
CA SER B 1 2.31 1.58 31.93
C SER B 1 2.06 1.54 30.49
N PHE B 2 3.13 1.50 29.72
CA PHE B 2 3.05 1.46 28.28
C PHE B 2 3.90 0.30 27.79
N LEU B 3 3.22 -0.82 27.41
CA LEU B 3 3.83 -2.03 26.89
C LEU B 3 5.19 -1.73 26.30
N PRO B 4 6.28 -2.45 26.70
CA PRO B 4 7.63 -2.06 26.25
C PRO B 4 7.85 -2.24 24.76
N ALA B 5 6.80 -2.61 24.04
CA ALA B 5 6.91 -3.05 22.67
C ALA B 5 6.52 -2.00 21.67
N ALA B 6 5.99 -0.85 22.12
CA ALA B 6 5.47 0.17 21.20
C ALA B 6 6.59 0.80 20.36
N GLU B 7 7.47 -0.04 19.84
CA GLU B 7 8.65 0.43 19.14
C GLU B 7 8.18 0.75 17.73
N LEU B 8 8.14 2.05 17.41
CA LEU B 8 7.74 2.53 16.10
C LEU B 8 8.94 2.59 15.17
N GLU B 9 8.66 2.66 13.86
CA GLU B 9 9.73 2.57 12.85
C GLU B 9 9.54 3.61 11.75
N GLU B 10 10.40 4.62 11.74
CA GLU B 10 10.35 5.70 10.76
C GLU B 10 11.36 5.39 9.67
N THR B 11 10.97 4.50 8.79
CA THR B 11 11.82 4.12 7.69
C THR B 11 11.59 5.03 6.50
N PRO B 12 12.45 4.99 5.47
CA PRO B 12 12.27 5.96 4.36
C PRO B 12 11.26 5.52 3.30
N GLU B 13 10.78 4.27 3.32
CA GLU B 13 9.75 3.81 2.39
C GLU B 13 8.45 3.48 3.09
N ALA B 14 8.35 3.66 4.41
CA ALA B 14 7.13 3.38 5.14
C ALA B 14 7.37 3.42 6.64
N LEU B 15 6.32 3.66 7.41
CA LEU B 15 6.36 3.55 8.85
C LEU B 15 5.43 2.45 9.33
N LEU B 16 5.74 1.95 10.53
CA LEU B 16 4.89 1.02 11.24
C LEU B 16 4.98 1.38 12.69
N LEU B 17 4.45 0.51 13.55
CA LEU B 17 4.63 0.54 15.00
C LEU B 17 4.60 -0.86 15.57
N LYS B 18 5.49 -1.17 16.51
CA LYS B 18 5.53 -2.51 17.09
C LYS B 18 4.96 -2.42 18.50
N VAL B 19 4.10 -3.38 18.87
CA VAL B 19 3.56 -3.50 20.23
C VAL B 19 2.92 -4.87 20.34
N GLU B 20 3.20 -5.58 21.44
CA GLU B 20 2.90 -7.02 21.59
C GLU B 20 1.45 -7.25 22.02
N LEU B 21 0.76 -8.18 21.36
CA LEU B 21 -0.64 -8.46 21.65
C LEU B 21 -0.98 -9.94 21.45
N PRO B 22 -0.63 -10.81 22.42
CA PRO B 22 -0.87 -12.24 22.25
C PRO B 22 -1.99 -12.71 23.15
N GLY B 23 -2.34 -13.99 23.04
CA GLY B 23 -3.43 -14.54 23.82
C GLY B 23 -4.78 -13.95 23.54
N MET B 24 -4.85 -12.87 22.76
CA MET B 24 -6.08 -12.15 22.46
C MET B 24 -6.52 -12.44 21.04
N ASP B 25 -7.80 -12.18 20.81
CA ASP B 25 -8.41 -12.50 19.53
C ASP B 25 -8.38 -11.30 18.60
N PRO B 26 -8.52 -11.52 17.30
CA PRO B 26 -8.57 -10.39 16.40
C PRO B 26 -9.77 -9.48 16.62
N LYS B 27 -10.98 -10.03 16.79
CA LYS B 27 -12.14 -9.15 16.89
C LYS B 27 -12.11 -8.28 18.14
N ASP B 28 -11.14 -8.50 19.05
CA ASP B 28 -11.00 -7.79 20.32
C ASP B 28 -10.33 -6.44 20.20
N ILE B 29 -9.81 -6.09 19.01
CA ILE B 29 -9.07 -4.85 18.81
C ILE B 29 -9.33 -4.33 17.40
N ASP B 30 -9.63 -3.04 17.31
CA ASP B 30 -9.60 -2.24 16.11
C ASP B 30 -8.49 -1.16 16.23
N VAL B 31 -8.41 -0.28 15.22
CA VAL B 31 -7.51 0.85 15.25
C VAL B 31 -8.31 2.07 14.82
N GLN B 32 -7.98 3.24 15.37
CA GLN B 32 -8.62 4.48 14.99
C GLN B 32 -7.58 5.62 14.97
N VAL B 33 -7.73 6.52 14.01
CA VAL B 33 -6.82 7.66 13.80
C VAL B 33 -7.62 8.94 14.00
N THR B 34 -7.29 9.67 15.06
CA THR B 34 -7.98 10.91 15.37
C THR B 34 -6.98 12.05 15.36
N ALA B 35 -7.03 12.87 14.31
CA ALA B 35 -6.28 14.12 14.26
C ALA B 35 -4.78 13.86 14.43
N GLU B 36 -4.26 12.89 13.68
CA GLU B 36 -2.84 12.59 13.55
C GLU B 36 -2.23 11.89 14.76
N ALA B 37 -3.05 11.23 15.60
CA ALA B 37 -2.58 10.43 16.71
C ALA B 37 -3.20 9.05 16.57
N VAL B 38 -2.36 8.04 16.41
CA VAL B 38 -2.87 6.70 16.21
C VAL B 38 -3.45 6.17 17.51
N SER B 39 -4.55 5.41 17.42
CA SER B 39 -5.17 4.83 18.59
C SER B 39 -4.63 3.44 18.85
N ILE B 40 -4.15 3.22 20.07
CA ILE B 40 -3.67 1.92 20.52
C ILE B 40 -4.31 1.68 21.89
N SER B 41 -5.26 0.74 21.93
CA SER B 41 -6.08 0.46 23.10
C SER B 41 -6.74 -0.89 22.84
N GLY B 42 -7.09 -1.61 23.90
CA GLY B 42 -7.87 -2.83 23.75
C GLY B 42 -7.75 -3.78 24.92
N GLU B 43 -8.53 -4.88 24.83
CA GLU B 43 -8.54 -5.98 25.81
C GLU B 43 -8.56 -7.31 25.05
N ARG B 44 -8.67 -8.39 25.82
CA ARG B 44 -8.46 -9.74 25.32
C ARG B 44 -9.79 -10.50 25.41
N LYS B 45 -9.82 -11.70 25.97
CA LYS B 45 -11.02 -12.45 26.22
C LYS B 45 -10.76 -13.25 27.50
N SER B 46 -11.44 -14.36 27.69
CA SER B 46 -11.32 -15.17 28.90
C SER B 46 -10.66 -16.50 28.57
N GLU B 47 -9.70 -16.87 29.41
CA GLU B 47 -9.19 -18.24 29.48
C GLU B 47 -10.25 -19.24 29.97
N THR B 48 -11.39 -19.33 29.29
CA THR B 48 -12.54 -20.14 29.74
C THR B 48 -12.24 -21.64 29.87
N LYS B 49 -11.00 -21.97 30.21
CA LYS B 49 -10.59 -23.35 30.47
C LYS B 49 -11.37 -23.84 31.70
N THR B 50 -11.11 -25.08 32.13
CA THR B 50 -11.76 -25.62 33.33
C THR B 50 -12.06 -24.44 34.25
N GLU B 51 -13.36 -24.09 34.33
CA GLU B 51 -13.89 -22.98 35.13
C GLU B 51 -14.26 -23.40 36.55
N THR B 52 -13.35 -24.18 37.13
CA THR B 52 -13.52 -24.82 38.43
C THR B 52 -12.15 -25.15 39.02
N GLU B 53 -11.16 -25.27 38.16
CA GLU B 53 -9.78 -25.46 38.52
C GLU B 53 -9.17 -24.13 38.90
N GLY B 54 -8.10 -24.21 39.69
CA GLY B 54 -7.35 -23.04 40.08
C GLY B 54 -6.26 -22.69 39.08
N MET B 55 -5.56 -21.71 39.44
CA MET B 55 -4.59 -21.13 38.59
C MET B 55 -3.14 -21.18 39.07
N LYS B 56 -2.83 -22.26 39.71
CA LYS B 56 -1.52 -22.45 40.34
C LYS B 56 -0.95 -21.11 40.85
N ARG B 57 -0.49 -20.32 39.88
CA ARG B 57 0.16 -19.01 40.06
C ARG B 57 0.16 -18.42 38.66
N THR B 58 -0.35 -17.20 38.54
CA THR B 58 -0.41 -16.45 37.29
C THR B 58 0.77 -15.49 37.19
N GLU B 59 1.11 -15.10 35.97
CA GLU B 59 2.16 -14.13 35.74
C GLU B 59 1.86 -13.23 34.56
N PHE B 60 1.01 -13.67 33.64
CA PHE B 60 0.66 -12.93 32.42
C PHE B 60 -0.83 -12.53 32.44
N ARG B 61 -1.12 -11.44 33.15
CA ARG B 61 -2.41 -10.77 33.23
C ARG B 61 -2.17 -9.28 33.16
N TYR B 62 -3.12 -8.58 32.56
CA TYR B 62 -2.92 -7.15 32.32
C TYR B 62 -4.25 -6.42 32.42
N GLY B 63 -4.31 -5.23 31.82
CA GLY B 63 -5.59 -4.62 31.58
C GLY B 63 -5.75 -4.05 30.19
N LYS B 64 -6.64 -3.07 30.09
CA LYS B 64 -6.83 -2.27 28.88
C LYS B 64 -6.07 -0.99 29.00
N PHE B 65 -5.82 -0.39 27.85
CA PHE B 65 -4.86 0.67 27.69
C PHE B 65 -5.42 1.57 26.62
N GLN B 66 -5.01 2.84 26.65
CA GLN B 66 -5.24 3.77 25.54
C GLN B 66 -3.91 4.39 25.19
N ARG B 67 -3.37 4.02 24.05
CA ARG B 67 -2.09 4.53 23.61
C ARG B 67 -2.22 5.16 22.24
N VAL B 68 -1.32 6.10 21.98
CA VAL B 68 -1.39 6.98 20.83
C VAL B 68 0.04 7.29 20.39
N ILE B 69 0.16 8.05 19.31
CA ILE B 69 1.44 8.55 18.82
C ILE B 69 1.12 9.73 17.93
N PRO B 70 1.86 10.82 17.94
CA PRO B 70 1.62 11.88 16.94
C PRO B 70 2.62 11.89 15.80
N LEU B 71 2.16 11.47 14.62
CA LEU B 71 3.05 11.18 13.49
C LEU B 71 3.57 12.47 12.88
N PRO B 72 4.82 12.50 12.41
CA PRO B 72 5.37 13.76 11.86
C PRO B 72 4.73 14.25 10.56
N VAL B 73 3.48 13.84 10.33
CA VAL B 73 2.74 14.02 9.08
C VAL B 73 1.42 13.28 9.25
N ARG B 74 0.33 13.86 8.77
CA ARG B 74 -0.97 13.19 8.77
C ARG B 74 -1.04 12.15 7.68
N ILE B 75 -1.91 11.17 7.89
CA ILE B 75 -2.07 10.01 7.03
C ILE B 75 -3.54 9.86 6.63
N GLN B 76 -3.77 8.90 5.74
CA GLN B 76 -5.08 8.55 5.20
C GLN B 76 -5.28 7.08 5.49
N ASN B 77 -6.25 6.76 6.32
CA ASN B 77 -6.38 5.38 6.76
C ASN B 77 -6.65 4.43 5.59
N THR B 78 -7.15 4.96 4.46
CA THR B 78 -7.55 4.16 3.31
C THR B 78 -6.37 3.50 2.61
N SER B 79 -5.13 3.88 2.94
CA SER B 79 -3.92 3.27 2.39
C SER B 79 -3.24 2.29 3.35
N VAL B 80 -3.41 2.49 4.67
CA VAL B 80 -2.65 1.73 5.66
C VAL B 80 -3.19 0.30 5.73
N LYS B 81 -2.27 -0.65 6.00
CA LYS B 81 -2.60 -2.03 6.32
C LYS B 81 -2.31 -2.28 7.78
N ALA B 82 -2.58 -3.51 8.21
CA ALA B 82 -2.39 -3.88 9.61
C ALA B 82 -2.81 -5.34 9.86
N GLU B 83 -1.81 -6.23 9.99
CA GLU B 83 -2.01 -7.67 10.12
C GLU B 83 -1.44 -8.13 11.45
N TYR B 84 -1.67 -9.41 11.76
CA TYR B 84 -1.56 -9.98 13.11
C TYR B 84 -1.02 -11.42 13.01
N LYS B 85 0.29 -11.58 13.30
CA LYS B 85 1.04 -12.80 12.95
C LYS B 85 1.97 -13.16 14.10
N ASP B 86 1.69 -14.28 14.78
CA ASP B 86 2.57 -14.92 15.76
C ASP B 86 2.18 -14.64 17.21
N GLY B 87 0.98 -14.14 17.45
CA GLY B 87 0.68 -13.54 18.75
C GLY B 87 1.13 -12.10 18.89
N ILE B 88 1.51 -11.45 17.80
CA ILE B 88 1.92 -10.07 17.77
C ILE B 88 1.12 -9.39 16.68
N LEU B 89 0.71 -8.15 16.92
CA LEU B 89 0.13 -7.33 15.87
C LEU B 89 0.95 -6.05 15.74
N HIS B 90 0.69 -5.31 14.65
CA HIS B 90 1.22 -3.96 14.52
C HIS B 90 0.45 -3.19 13.44
N LEU B 91 1.00 -2.03 13.07
CA LEU B 91 0.42 -1.11 12.10
C LEU B 91 1.46 -0.86 11.01
N THR B 92 1.24 -1.44 9.84
CA THR B 92 2.04 -1.11 8.67
C THR B 92 1.41 0.11 8.01
N LEU B 93 2.15 1.25 7.97
CA LEU B 93 1.68 2.44 7.30
C LEU B 93 2.74 2.99 6.33
N PRO B 94 2.30 3.54 5.15
CA PRO B 94 3.25 3.90 4.08
C PRO B 94 3.99 5.21 4.33
N LYS B 95 4.18 6.03 3.34
CA LYS B 95 4.90 7.32 3.31
C LYS B 95 4.66 8.15 2.17
N ALA B 96 5.31 9.25 2.11
CA ALA B 96 5.50 10.36 1.17
C ALA B 96 6.69 10.22 0.19
N GLU B 97 6.36 10.26 -1.04
CA GLU B 97 7.33 10.27 -2.20
C GLU B 97 8.09 11.51 -2.29
N GLU B 98 9.25 11.51 -1.56
CA GLU B 98 10.09 12.71 -1.52
C GLU B 98 11.54 12.37 -1.87
N GLU B 99 12.13 13.13 -2.80
CA GLU B 99 13.47 12.91 -3.33
C GLU B 99 14.57 12.99 -2.27
#